data_3LA7
#
_entry.id   3LA7
#
_cell.length_a   67.506
_cell.length_b   85.624
_cell.length_c   171.959
_cell.angle_alpha   90.00
_cell.angle_beta   90.00
_cell.angle_gamma   90.00
#
_symmetry.space_group_name_H-M   'C 2 2 21'
#
loop_
_entity.id
_entity.type
_entity.pdbx_description
1 polymer 'Global nitrogen regulator'
2 non-polymer 'octyl beta-D-glucopyranoside'
3 water water
#
_entity_poly.entity_id   1
_entity_poly.type   'polypeptide(L)'
_entity_poly.pdbx_seq_one_letter_code
;MGSSHHHHHHSSGLVPRGSHMIVTQDKALANVFRQMATGAFPPVVETFERNKTIFFPGDPAERVYFLLKGAVKLSRVYEA
GEEITVALLRENSVFGVLSLLTGNKSDRFYHAVAFTPVELLSAPIEQVEQALKENPELSMLMLRGLSSRILQTEMMIETL
AHRDMGSRLVSFLLILCRDFGVPCADGITIDLKLSHQAIAEAIGSTRVTVTRLLGDLREKKMISIHKKKITVHKPVTLSR
QFT
;
_entity_poly.pdbx_strand_id   A,B
#
loop_
_chem_comp.id
_chem_comp.type
_chem_comp.name
_chem_comp.formula
BOG D-saccharide 'octyl beta-D-glucopyranoside' 'C14 H28 O6'
#
# COMPACT_ATOMS: atom_id res chain seq x y z
N ASP A 26 4.53 20.89 19.05
CA ASP A 26 3.45 20.93 20.07
C ASP A 26 3.44 19.66 20.91
N LYS A 27 2.34 19.43 21.62
CA LYS A 27 2.30 18.34 22.60
C LYS A 27 2.50 16.97 21.94
N ALA A 28 1.91 16.81 20.75
CA ALA A 28 2.09 15.59 19.96
C ALA A 28 3.56 15.31 19.63
N LEU A 29 4.27 16.32 19.14
CA LEU A 29 5.70 16.18 18.84
C LEU A 29 6.52 15.86 20.12
N ALA A 30 6.19 16.54 21.20
CA ALA A 30 7.00 16.40 22.42
C ALA A 30 6.83 14.98 22.93
N ASN A 31 5.63 14.43 22.70
CA ASN A 31 5.33 13.04 23.05
C ASN A 31 6.27 12.08 22.34
N VAL A 32 6.53 12.35 21.06
CA VAL A 32 7.39 11.50 20.26
C VAL A 32 8.81 11.50 20.79
N PHE A 33 9.29 12.69 21.16
CA PHE A 33 10.52 12.76 21.92
C PHE A 33 10.49 11.89 23.17
N ARG A 34 9.38 11.93 23.90
CA ARG A 34 9.30 11.18 25.16
C ARG A 34 9.25 9.70 24.92
N GLN A 35 8.53 9.27 23.88
CA GLN A 35 8.41 7.86 23.64
C GLN A 35 9.71 7.32 23.03
N MET A 36 10.48 8.17 22.38
CA MET A 36 11.70 7.72 21.71
C MET A 36 12.97 7.81 22.59
N ALA A 37 12.85 8.35 23.81
CA ALA A 37 14.04 8.48 24.68
C ALA A 37 14.58 7.09 25.07
N THR A 38 15.87 6.85 24.87
CA THR A 38 16.42 5.54 25.21
C THR A 38 17.68 5.71 26.00
N GLY A 39 17.96 6.93 26.44
CA GLY A 39 19.16 7.14 27.26
C GLY A 39 20.35 7.50 26.38
N ALA A 40 20.10 7.81 25.11
CA ALA A 40 21.18 8.27 24.26
C ALA A 40 20.73 9.52 23.50
N PHE A 41 20.86 9.54 22.17
CA PHE A 41 20.41 10.73 21.44
C PHE A 41 18.90 10.84 21.32
N PRO A 42 18.36 12.05 21.37
CA PRO A 42 16.99 12.17 20.95
C PRO A 42 16.93 12.02 19.42
N PRO A 43 15.72 11.96 18.85
CA PRO A 43 15.55 12.05 17.39
C PRO A 43 16.12 13.38 16.93
N VAL A 44 16.75 13.34 15.77
CA VAL A 44 17.44 14.45 15.22
C VAL A 44 16.59 15.14 14.18
N VAL A 45 16.58 16.47 14.23
CA VAL A 45 15.95 17.26 13.15
C VAL A 45 16.84 17.33 11.91
N GLU A 46 16.28 17.06 10.74
CA GLU A 46 17.04 17.17 9.48
C GLU A 46 16.18 17.94 8.48
N THR A 47 16.80 18.71 7.59
CA THR A 47 15.99 19.44 6.61
C THR A 47 16.56 19.06 5.27
N PHE A 48 15.71 18.99 4.25
CA PHE A 48 16.22 18.64 2.92
C PHE A 48 15.67 19.66 1.94
N GLU A 49 16.46 20.05 0.95
CA GLU A 49 15.92 20.99 -0.03
C GLU A 49 15.09 20.22 -1.07
N ARG A 50 14.21 20.94 -1.78
CA ARG A 50 13.38 20.35 -2.84
C ARG A 50 14.18 19.44 -3.70
N ASN A 51 13.63 18.25 -3.91
CA ASN A 51 14.19 17.31 -4.84
C ASN A 51 15.44 16.58 -4.38
N LYS A 52 15.86 16.81 -3.14
CA LYS A 52 17.05 16.10 -2.65
C LYS A 52 16.64 14.71 -2.18
N THR A 53 17.52 13.74 -2.39
CA THR A 53 17.29 12.38 -1.89
C THR A 53 17.58 12.27 -0.39
N ILE A 54 16.62 11.66 0.32
CA ILE A 54 16.75 11.40 1.75
C ILE A 54 17.47 10.08 1.95
N PHE A 55 17.11 9.05 1.18
CA PHE A 55 17.90 7.83 1.19
C PHE A 55 17.73 7.11 -0.13
N PHE A 56 18.76 6.36 -0.52
CA PHE A 56 18.85 5.73 -1.85
C PHE A 56 18.58 4.26 -1.71
N PRO A 57 18.04 3.65 -2.76
CA PRO A 57 17.96 2.21 -2.80
C PRO A 57 19.38 1.65 -2.82
N GLY A 58 19.60 0.49 -2.22
CA GLY A 58 20.95 -0.05 -2.11
C GLY A 58 21.69 0.47 -0.87
N ASP A 59 21.33 1.65 -0.37
CA ASP A 59 21.99 2.18 0.83
C ASP A 59 21.60 1.46 2.11
N PRO A 60 22.54 1.39 3.07
CA PRO A 60 22.19 0.69 4.29
C PRO A 60 20.94 1.34 4.90
N ALA A 61 19.96 0.54 5.30
CA ALA A 61 18.76 1.06 5.96
C ALA A 61 19.08 1.31 7.42
N GLU A 62 19.43 2.53 7.74
CA GLU A 62 19.98 2.85 9.05
C GLU A 62 19.00 3.56 9.98
N ARG A 63 18.16 4.44 9.42
CA ARG A 63 17.29 5.29 10.23
C ARG A 63 15.82 5.14 9.92
N VAL A 64 15.00 5.52 10.89
CA VAL A 64 13.56 5.65 10.74
C VAL A 64 13.25 7.13 10.74
N TYR A 65 12.27 7.54 9.91
CA TYR A 65 11.97 8.94 9.69
C TYR A 65 10.55 9.30 10.06
N PHE A 66 10.38 10.51 10.55
CA PHE A 66 9.06 11.04 10.91
C PHE A 66 8.91 12.41 10.25
N LEU A 67 7.97 12.55 9.31
CA LEU A 67 7.87 13.76 8.49
C LEU A 67 7.17 14.90 9.25
N LEU A 68 7.86 16.02 9.39
CA LEU A 68 7.33 17.18 10.14
C LEU A 68 6.70 18.21 9.20
N LYS A 69 7.44 18.61 8.17
CA LYS A 69 6.94 19.56 7.17
C LYS A 69 7.31 19.09 5.78
N GLY A 70 6.40 19.30 4.84
CA GLY A 70 6.68 19.05 3.44
C GLY A 70 6.11 17.72 3.00
N ALA A 71 6.50 17.31 1.80
CA ALA A 71 5.98 16.07 1.22
C ALA A 71 7.15 15.23 0.84
N VAL A 72 7.06 13.92 1.08
CA VAL A 72 8.10 12.99 0.68
C VAL A 72 7.51 12.02 -0.38
N LYS A 73 8.21 11.88 -1.50
CA LYS A 73 7.85 10.87 -2.50
C LYS A 73 8.63 9.62 -2.19
N LEU A 74 7.92 8.53 -1.91
CA LEU A 74 8.56 7.26 -1.64
C LEU A 74 8.36 6.35 -2.86
N SER A 75 9.43 5.76 -3.34
CA SER A 75 9.32 4.84 -4.49
C SER A 75 10.07 3.57 -4.16
N ARG A 76 9.74 2.50 -4.87
CA ARG A 76 10.33 1.23 -4.58
C ARG A 76 10.99 0.75 -5.87
N VAL A 77 12.19 0.21 -5.75
CA VAL A 77 12.82 -0.44 -6.88
C VAL A 77 12.49 -1.93 -6.82
N TYR A 78 11.81 -2.42 -7.84
CA TYR A 78 11.35 -3.81 -7.84
C TYR A 78 12.40 -4.74 -8.43
N GLU A 79 12.14 -6.04 -8.34
CA GLU A 79 13.08 -7.09 -8.72
C GLU A 79 13.60 -6.96 -10.17
N ALA A 80 12.72 -6.63 -11.10
CA ALA A 80 13.18 -6.41 -12.47
C ALA A 80 13.93 -5.09 -12.57
N GLY A 81 13.88 -4.29 -11.51
CA GLY A 81 14.62 -3.02 -11.48
C GLY A 81 13.85 -1.75 -11.82
N GLU A 82 12.57 -1.82 -12.13
CA GLU A 82 11.82 -0.58 -12.36
C GLU A 82 11.57 0.16 -11.03
N GLU A 83 11.64 1.49 -11.06
CA GLU A 83 11.28 2.36 -9.91
C GLU A 83 9.88 2.99 -10.04
N ILE A 84 9.04 2.74 -9.05
CA ILE A 84 7.65 3.14 -9.15
C ILE A 84 7.29 3.83 -7.83
N THR A 85 6.58 4.95 -7.91
CA THR A 85 6.10 5.67 -6.72
C THR A 85 5.14 4.79 -5.93
N VAL A 86 5.45 4.53 -4.66
CA VAL A 86 4.52 3.79 -3.83
C VAL A 86 3.70 4.70 -2.91
N ALA A 87 4.21 5.90 -2.60
CA ALA A 87 3.37 6.79 -1.81
C ALA A 87 3.89 8.21 -1.84
N LEU A 88 2.95 9.15 -1.80
CA LEU A 88 3.22 10.55 -1.57
C LEU A 88 2.87 10.81 -0.11
N LEU A 89 3.91 10.86 0.71
CA LEU A 89 3.72 10.91 2.16
C LEU A 89 3.51 12.34 2.62
N ARG A 90 2.48 12.53 3.42
CA ARG A 90 2.21 13.86 3.97
C ARG A 90 2.77 14.03 5.37
N GLU A 91 2.75 15.24 5.90
CA GLU A 91 3.20 15.53 7.27
C GLU A 91 2.62 14.55 8.30
N ASN A 92 3.45 14.13 9.26
CA ASN A 92 3.03 13.18 10.28
C ASN A 92 3.20 11.70 9.89
N SER A 93 3.72 11.44 8.69
CA SER A 93 3.95 10.06 8.24
C SER A 93 5.27 9.53 8.78
N VAL A 94 5.34 8.23 8.93
CA VAL A 94 6.57 7.54 9.30
C VAL A 94 7.03 6.72 8.12
N PHE A 95 8.34 6.69 7.89
CA PHE A 95 8.87 5.87 6.81
C PHE A 95 10.27 5.40 7.12
N GLY A 96 10.76 4.49 6.28
CA GLY A 96 12.07 3.90 6.47
C GLY A 96 12.06 2.79 7.51
N VAL A 97 10.87 2.32 7.90
CA VAL A 97 10.77 1.48 9.09
C VAL A 97 10.34 0.05 8.84
N LEU A 98 10.12 -0.30 7.57
CA LEU A 98 9.60 -1.61 7.22
C LEU A 98 10.57 -2.72 7.61
N SER A 99 11.86 -2.45 7.39
CA SER A 99 12.94 -3.44 7.60
C SER A 99 12.99 -3.93 9.03
N LEU A 100 12.81 -3.00 9.97
CA LEU A 100 12.82 -3.30 11.39
C LEU A 100 11.67 -4.24 11.75
N LEU A 101 10.52 -4.03 11.11
CA LEU A 101 9.31 -4.78 11.44
C LEU A 101 9.35 -6.14 10.76
N THR A 102 10.37 -6.31 9.92
CA THR A 102 10.58 -7.51 9.11
C THR A 102 11.59 -8.47 9.72
N GLY A 103 12.16 -9.33 8.87
CA GLY A 103 13.27 -10.21 9.26
C GLY A 103 14.56 -9.64 8.69
N ASN A 104 14.73 -9.79 7.37
CA ASN A 104 15.91 -9.25 6.67
C ASN A 104 15.90 -7.71 6.65
N LYS A 105 17.07 -7.11 6.81
CA LYS A 105 17.13 -5.70 7.22
C LYS A 105 18.13 -4.78 6.50
N SER A 106 19.32 -5.29 6.22
CA SER A 106 20.46 -4.44 5.83
C SER A 106 20.21 -3.39 4.74
N ASP A 107 19.52 -3.79 3.67
CA ASP A 107 19.55 -3.05 2.41
C ASP A 107 18.23 -2.37 2.04
N ARG A 108 18.26 -1.06 1.80
CA ARG A 108 17.04 -0.34 1.45
C ARG A 108 16.67 -0.69 0.02
N PHE A 109 15.41 -1.07 -0.20
CA PHE A 109 14.89 -1.18 -1.58
C PHE A 109 13.94 -0.01 -1.92
N TYR A 110 13.95 1.02 -1.06
CA TYR A 110 13.17 2.24 -1.34
C TYR A 110 14.04 3.41 -1.66
N HIS A 111 13.45 4.34 -2.40
CA HIS A 111 14.03 5.62 -2.66
C HIS A 111 13.16 6.66 -2.02
N ALA A 112 13.72 7.44 -1.09
CA ALA A 112 12.94 8.56 -0.54
C ALA A 112 13.48 9.90 -0.99
N VAL A 113 12.59 10.71 -1.56
CA VAL A 113 12.91 12.03 -2.10
C VAL A 113 12.07 13.11 -1.49
N ALA A 114 12.70 14.23 -1.19
CA ALA A 114 11.99 15.41 -0.73
C ALA A 114 11.22 16.03 -1.91
N PHE A 115 9.91 15.80 -1.95
CA PHE A 115 9.07 16.22 -3.09
C PHE A 115 9.04 17.76 -3.12
N THR A 116 8.92 18.34 -1.92
CA THR A 116 9.03 19.78 -1.63
C THR A 116 10.15 19.90 -0.57
N PRO A 117 10.49 21.14 -0.15
CA PRO A 117 11.40 21.31 1.00
C PRO A 117 10.84 20.53 2.19
N VAL A 118 11.70 19.79 2.88
CA VAL A 118 11.22 18.92 3.96
C VAL A 118 12.00 19.13 5.26
N GLU A 119 11.25 19.01 6.35
CA GLU A 119 11.84 18.91 7.66
C GLU A 119 11.31 17.61 8.30
N LEU A 120 12.22 16.82 8.87
CA LEU A 120 11.80 15.61 9.51
C LEU A 120 12.62 15.29 10.76
N LEU A 121 12.17 14.28 11.49
CA LEU A 121 12.93 13.72 12.63
C LEU A 121 13.41 12.36 12.23
N SER A 122 14.62 11.99 12.66
CA SER A 122 15.09 10.66 12.34
C SER A 122 15.82 10.06 13.55
N ALA A 123 15.79 8.73 13.66
CA ALA A 123 16.49 8.01 14.73
C ALA A 123 17.01 6.73 14.15
N PRO A 124 18.15 6.25 14.69
CA PRO A 124 18.63 4.95 14.26
C PRO A 124 17.61 3.87 14.45
N ILE A 125 17.59 2.91 13.52
CA ILE A 125 16.71 1.78 13.65
C ILE A 125 16.81 1.08 14.99
N GLU A 126 18.03 0.95 15.51
CA GLU A 126 18.23 0.20 16.74
C GLU A 126 17.61 0.96 17.91
N GLN A 127 17.60 2.28 17.84
CA GLN A 127 16.95 3.09 18.88
C GLN A 127 15.44 2.89 18.86
N VAL A 128 14.86 2.87 17.66
CA VAL A 128 13.44 2.62 17.55
C VAL A 128 13.09 1.24 18.09
N GLU A 129 13.89 0.27 17.69
CA GLU A 129 13.68 -1.10 18.13
C GLU A 129 13.75 -1.15 19.67
N GLN A 130 14.70 -0.44 20.26
CA GLN A 130 14.79 -0.40 21.73
C GLN A 130 13.59 0.28 22.37
N ALA A 131 13.19 1.42 21.82
CA ALA A 131 12.09 2.20 22.37
C ALA A 131 10.77 1.46 22.28
N LEU A 132 10.64 0.57 21.32
CA LEU A 132 9.39 -0.18 21.13
C LEU A 132 9.21 -1.18 22.27
N LYS A 133 10.32 -1.64 22.80
CA LYS A 133 10.31 -2.61 23.89
C LYS A 133 9.35 -2.28 25.02
N GLU A 134 8.32 -3.11 25.14
CA GLU A 134 7.31 -2.99 26.18
C GLU A 134 6.85 -1.55 26.29
N ASN A 135 6.59 -0.93 25.14
CA ASN A 135 6.08 0.43 25.11
C ASN A 135 4.80 0.49 24.25
N PRO A 136 3.66 0.25 24.90
CA PRO A 136 2.37 0.29 24.20
C PRO A 136 2.08 1.66 23.58
N GLU A 137 2.53 2.74 24.19
CA GLU A 137 2.25 4.03 23.62
C GLU A 137 2.96 4.15 22.25
N LEU A 138 4.21 3.72 22.18
CA LEU A 138 4.96 3.89 20.92
C LEU A 138 4.51 2.89 19.86
N SER A 139 4.21 1.66 20.24
CA SER A 139 3.78 0.72 19.21
C SER A 139 2.41 1.15 18.68
N MET A 140 1.61 1.82 19.51
CA MET A 140 0.33 2.33 19.03
C MET A 140 0.50 3.52 18.05
N LEU A 141 1.41 4.43 18.38
CA LEU A 141 1.82 5.48 17.42
C LEU A 141 2.32 4.86 16.11
N MET A 142 3.14 3.82 16.23
CA MET A 142 3.73 3.15 15.04
C MET A 142 2.64 2.47 14.22
N LEU A 143 1.66 1.88 14.91
CA LEU A 143 0.52 1.20 14.26
C LEU A 143 -0.29 2.20 13.44
N ARG A 144 -0.59 3.37 14.02
CA ARG A 144 -1.24 4.46 13.28
C ARG A 144 -0.41 4.92 12.09
N GLY A 145 0.90 4.97 12.28
CA GLY A 145 1.80 5.34 11.19
C GLY A 145 1.74 4.33 10.05
N LEU A 146 1.77 3.04 10.36
CA LEU A 146 1.72 2.03 9.31
C LEU A 146 0.37 2.08 8.62
N SER A 147 -0.67 2.37 9.38
CA SER A 147 -2.01 2.39 8.81
C SER A 147 -2.15 3.60 7.84
N SER A 148 -1.61 4.75 8.23
CA SER A 148 -1.55 5.89 7.32
C SER A 148 -0.70 5.59 6.06
N ARG A 149 0.41 4.90 6.22
CA ARG A 149 1.23 4.52 5.07
C ARG A 149 0.42 3.63 4.12
N ILE A 150 -0.36 2.72 4.69
CA ILE A 150 -1.16 1.83 3.84
C ILE A 150 -2.17 2.63 3.04
N LEU A 151 -2.90 3.54 3.70
CA LEU A 151 -3.88 4.36 3.03
C LEU A 151 -3.25 5.20 1.90
N GLN A 152 -2.09 5.79 2.18
CA GLN A 152 -1.41 6.58 1.15
C GLN A 152 -0.93 5.74 -0.03
N THR A 153 -0.45 4.53 0.24
CA THR A 153 -0.07 3.64 -0.83
C THR A 153 -1.30 3.27 -1.68
N GLU A 154 -2.46 3.09 -1.03
CA GLU A 154 -3.69 2.78 -1.73
C GLU A 154 -4.16 3.93 -2.62
N MET A 155 -3.85 5.16 -2.24
CA MET A 155 -4.11 6.28 -3.14
C MET A 155 -3.24 6.23 -4.38
N MET A 156 -2.02 5.77 -4.24
CA MET A 156 -1.16 5.65 -5.42
C MET A 156 -1.66 4.50 -6.32
N ILE A 157 -2.22 3.46 -5.73
CA ILE A 157 -2.84 2.39 -6.53
C ILE A 157 -3.89 2.90 -7.49
N GLU A 158 -4.82 3.71 -6.99
CA GLU A 158 -5.86 4.32 -7.80
C GLU A 158 -5.25 5.21 -8.91
N THR A 159 -4.22 5.95 -8.55
CA THR A 159 -3.50 6.80 -9.52
C THR A 159 -2.85 5.98 -10.64
N LEU A 160 -2.02 5.02 -10.28
CA LEU A 160 -1.29 4.26 -11.26
C LEU A 160 -2.11 3.21 -12.02
N ALA A 161 -3.23 2.77 -11.47
CA ALA A 161 -4.11 1.83 -12.17
C ALA A 161 -4.62 2.40 -13.48
N HIS A 162 -4.71 3.72 -13.60
CA HIS A 162 -5.12 4.33 -14.90
C HIS A 162 -4.10 4.06 -15.99
N ARG A 163 -4.55 3.51 -17.11
CA ARG A 163 -3.61 3.20 -18.18
C ARG A 163 -3.27 4.44 -19.02
N ASP A 164 -4.10 5.48 -18.92
CA ASP A 164 -3.83 6.73 -19.67
C ASP A 164 -3.21 7.82 -18.78
N MET A 165 -2.18 8.50 -19.29
CA MET A 165 -1.44 9.47 -18.44
C MET A 165 -2.26 10.63 -17.97
N GLY A 166 -3.18 11.08 -18.81
CA GLY A 166 -4.09 12.14 -18.45
C GLY A 166 -4.84 11.85 -17.15
N SER A 167 -5.35 10.63 -16.99
CA SER A 167 -6.09 10.27 -15.79
C SER A 167 -5.17 10.06 -14.60
N ARG A 168 -3.98 9.51 -14.85
CA ARG A 168 -3.01 9.44 -13.75
C ARG A 168 -2.72 10.84 -13.20
N LEU A 169 -2.51 11.80 -14.11
CA LEU A 169 -2.19 13.17 -13.70
C LEU A 169 -3.33 13.77 -12.87
N VAL A 170 -4.54 13.60 -13.35
CA VAL A 170 -5.66 14.09 -12.59
C VAL A 170 -5.71 13.44 -11.18
N SER A 171 -5.56 12.13 -11.10
CA SER A 171 -5.61 11.46 -9.79
C SER A 171 -4.50 11.96 -8.87
N PHE A 172 -3.30 12.12 -9.42
CA PHE A 172 -2.18 12.64 -8.64
C PHE A 172 -2.47 14.05 -8.09
N LEU A 173 -3.00 14.93 -8.93
CA LEU A 173 -3.37 16.27 -8.50
C LEU A 173 -4.36 16.20 -7.34
N LEU A 174 -5.33 15.27 -7.41
CA LEU A 174 -6.29 15.10 -6.31
C LEU A 174 -5.65 14.58 -5.00
N ILE A 175 -4.61 13.76 -5.10
CA ILE A 175 -3.85 13.38 -3.92
C ILE A 175 -3.25 14.66 -3.31
N LEU A 176 -2.64 15.49 -4.15
CA LEU A 176 -2.02 16.72 -3.66
C LEU A 176 -3.07 17.68 -3.10
N CYS A 177 -4.27 17.70 -3.69
CA CYS A 177 -5.34 18.55 -3.16
C CYS A 177 -5.69 18.11 -1.74
N ARG A 178 -5.82 16.81 -1.53
CA ARG A 178 -6.14 16.27 -0.20
C ARG A 178 -5.03 16.49 0.81
N ASP A 179 -3.79 16.27 0.40
CA ASP A 179 -2.66 16.37 1.33
C ASP A 179 -2.23 17.80 1.63
N PHE A 180 -2.41 18.70 0.66
CA PHE A 180 -1.82 20.03 0.72
C PHE A 180 -2.73 21.13 0.19
N GLY A 181 -3.99 20.80 -0.02
CA GLY A 181 -4.93 21.75 -0.63
C GLY A 181 -5.51 22.83 0.27
N VAL A 182 -5.65 24.03 -0.28
CA VAL A 182 -6.25 25.15 0.42
C VAL A 182 -7.47 25.66 -0.33
N PRO A 183 -8.65 25.59 0.31
CA PRO A 183 -9.89 26.02 -0.33
C PRO A 183 -9.79 27.43 -0.91
N CYS A 184 -10.53 27.69 -1.98
CA CYS A 184 -10.59 29.02 -2.57
C CYS A 184 -11.84 29.17 -3.43
N ALA A 185 -12.10 30.39 -3.91
CA ALA A 185 -13.30 30.66 -4.69
C ALA A 185 -13.53 29.62 -5.79
N ASP A 186 -12.61 29.57 -6.76
CA ASP A 186 -12.79 28.67 -7.92
C ASP A 186 -12.61 27.18 -7.63
N GLY A 187 -11.93 26.83 -6.54
CA GLY A 187 -11.76 25.43 -6.16
C GLY A 187 -10.81 25.19 -5.01
N ILE A 188 -9.70 24.50 -5.28
CA ILE A 188 -8.70 24.18 -4.28
C ILE A 188 -7.30 24.42 -4.85
N THR A 189 -6.51 25.20 -4.13
CA THR A 189 -5.16 25.47 -4.52
C THR A 189 -4.21 24.52 -3.82
N ILE A 190 -3.43 23.79 -4.61
CA ILE A 190 -2.42 22.92 -4.05
C ILE A 190 -1.29 23.81 -3.56
N ASP A 191 -0.98 23.69 -2.27
CA ASP A 191 -0.16 24.68 -1.60
C ASP A 191 1.31 24.32 -1.67
N LEU A 192 1.78 24.05 -2.90
CA LEU A 192 3.17 23.70 -3.15
C LEU A 192 3.57 24.22 -4.53
N LYS A 193 4.85 24.57 -4.67
CA LYS A 193 5.36 24.93 -5.98
C LYS A 193 5.78 23.63 -6.63
N LEU A 194 5.12 23.28 -7.73
CA LEU A 194 5.31 21.98 -8.32
C LEU A 194 6.11 22.06 -9.62
N SER A 195 7.17 21.30 -9.74
CA SER A 195 7.84 21.25 -11.05
C SER A 195 7.14 20.17 -11.89
N HIS A 196 7.07 20.42 -13.19
CA HIS A 196 6.60 19.41 -14.12
C HIS A 196 7.42 18.11 -14.04
N GLN A 197 8.74 18.21 -13.92
CA GLN A 197 9.56 16.99 -13.83
C GLN A 197 9.23 16.15 -12.59
N ALA A 198 9.02 16.83 -11.47
CA ALA A 198 8.67 16.10 -10.21
C ALA A 198 7.33 15.36 -10.34
N ILE A 199 6.36 16.01 -10.98
CA ILE A 199 5.07 15.38 -11.25
C ILE A 199 5.25 14.17 -12.18
N ALA A 200 6.03 14.34 -13.24
CA ALA A 200 6.29 13.25 -14.20
C ALA A 200 6.90 12.06 -13.48
N GLU A 201 7.88 12.30 -12.62
CA GLU A 201 8.49 11.22 -11.88
C GLU A 201 7.45 10.49 -11.02
N ALA A 202 6.55 11.22 -10.40
CA ALA A 202 5.56 10.56 -9.54
C ALA A 202 4.68 9.59 -10.33
N ILE A 203 4.22 10.02 -11.50
CA ILE A 203 3.21 9.25 -12.24
C ILE A 203 3.77 8.35 -13.34
N GLY A 204 5.09 8.35 -13.48
CA GLY A 204 5.74 7.43 -14.37
C GLY A 204 5.69 7.92 -15.81
N SER A 205 5.73 9.24 -15.99
CA SER A 205 5.64 9.83 -17.32
C SER A 205 6.93 10.60 -17.59
N THR A 206 6.95 11.43 -18.64
CA THR A 206 8.13 12.27 -18.89
C THR A 206 7.69 13.71 -18.62
N ARG A 207 8.64 14.57 -18.32
CA ARG A 207 8.37 16.02 -18.11
C ARG A 207 7.58 16.60 -19.28
N VAL A 208 8.01 16.26 -20.49
CA VAL A 208 7.29 16.73 -21.69
C VAL A 208 5.81 16.39 -21.71
N THR A 209 5.47 15.15 -21.37
CA THR A 209 4.07 14.74 -21.33
C THR A 209 3.26 15.51 -20.30
N VAL A 210 3.80 15.66 -19.10
CA VAL A 210 3.15 16.43 -18.08
C VAL A 210 2.91 17.87 -18.49
N THR A 211 3.92 18.51 -19.08
CA THR A 211 3.69 19.89 -19.54
C THR A 211 2.54 19.94 -20.54
N ARG A 212 2.52 19.00 -21.48
CA ARG A 212 1.41 18.94 -22.46
C ARG A 212 0.05 18.77 -21.79
N LEU A 213 -0.02 17.77 -20.90
CA LEU A 213 -1.25 17.50 -20.16
C LEU A 213 -1.75 18.61 -19.28
N LEU A 214 -0.86 19.29 -18.55
CA LEU A 214 -1.27 20.43 -17.75
C LEU A 214 -1.73 21.59 -18.63
N GLY A 215 -1.03 21.81 -19.75
CA GLY A 215 -1.50 22.78 -20.73
C GLY A 215 -2.89 22.44 -21.21
N ASP A 216 -3.17 21.16 -21.48
CA ASP A 216 -4.51 20.70 -21.94
C ASP A 216 -5.54 21.01 -20.85
N LEU A 217 -5.24 20.59 -19.62
CA LEU A 217 -6.11 20.87 -18.47
C LEU A 217 -6.38 22.37 -18.28
N ARG A 218 -5.35 23.18 -18.46
CA ARG A 218 -5.52 24.65 -18.31
C ARG A 218 -6.40 25.19 -19.42
N GLU A 219 -6.18 24.70 -20.64
CA GLU A 219 -6.96 25.21 -21.77
C GLU A 219 -8.43 24.78 -21.67
N LYS A 220 -8.70 23.67 -20.99
CA LYS A 220 -10.07 23.21 -20.76
C LYS A 220 -10.65 23.85 -19.52
N LYS A 221 -9.89 24.72 -18.86
CA LYS A 221 -10.42 25.46 -17.72
C LYS A 221 -10.56 24.62 -16.46
N MET A 222 -9.83 23.51 -16.41
CA MET A 222 -9.92 22.60 -15.26
C MET A 222 -8.93 22.96 -14.17
N ILE A 223 -7.85 23.62 -14.55
CA ILE A 223 -6.92 24.09 -13.56
C ILE A 223 -6.47 25.49 -13.93
N SER A 224 -5.92 26.20 -12.95
CA SER A 224 -5.15 27.38 -13.24
C SER A 224 -3.84 27.31 -12.44
N ILE A 225 -2.86 28.07 -12.88
CA ILE A 225 -1.54 28.06 -12.26
C ILE A 225 -1.05 29.47 -11.94
N HIS A 226 -0.76 29.73 -10.67
CA HIS A 226 -0.25 31.02 -10.22
C HIS A 226 0.99 30.81 -9.38
N LYS A 227 2.09 31.41 -9.82
CA LYS A 227 3.38 31.23 -9.13
C LYS A 227 3.67 29.76 -8.85
N LYS A 228 3.42 28.95 -9.87
CA LYS A 228 3.71 27.51 -9.84
C LYS A 228 2.82 26.70 -8.91
N LYS A 229 1.80 27.35 -8.36
CA LYS A 229 0.80 26.63 -7.59
C LYS A 229 -0.46 26.36 -8.44
N ILE A 230 -0.84 25.10 -8.47
CA ILE A 230 -1.97 24.68 -9.28
C ILE A 230 -3.26 24.78 -8.46
N THR A 231 -4.25 25.46 -9.02
CA THR A 231 -5.59 25.47 -8.44
C THR A 231 -6.46 24.55 -9.30
N VAL A 232 -7.05 23.55 -8.65
CA VAL A 232 -7.98 22.63 -9.32
C VAL A 232 -9.37 23.18 -9.10
N HIS A 233 -10.09 23.44 -10.19
CA HIS A 233 -11.42 24.01 -10.06
C HIS A 233 -12.49 22.93 -9.80
N LYS A 234 -12.39 22.24 -8.66
CA LYS A 234 -13.30 21.11 -8.33
C LYS A 234 -12.54 19.88 -7.83
N ASP B 26 2.07 -18.41 11.87
CA ASP B 26 1.45 -19.71 12.29
C ASP B 26 1.24 -19.70 13.81
N LYS B 27 2.30 -20.02 14.53
CA LYS B 27 2.34 -19.77 15.96
C LYS B 27 2.15 -18.25 16.22
N ALA B 28 2.56 -17.42 15.26
CA ALA B 28 2.44 -15.97 15.41
C ALA B 28 0.98 -15.51 15.32
N LEU B 29 0.27 -16.06 14.34
CA LEU B 29 -1.17 -15.82 14.18
C LEU B 29 -1.96 -16.19 15.45
N ALA B 30 -1.64 -17.34 16.05
CA ALA B 30 -2.30 -17.74 17.29
C ALA B 30 -2.00 -16.72 18.37
N ASN B 31 -0.79 -16.19 18.33
CA ASN B 31 -0.38 -15.22 19.33
C ASN B 31 -1.22 -13.94 19.24
N VAL B 32 -1.39 -13.43 18.01
CA VAL B 32 -2.22 -12.26 17.79
C VAL B 32 -3.63 -12.51 18.32
N PHE B 33 -4.18 -13.68 17.97
CA PHE B 33 -5.52 -14.04 18.43
C PHE B 33 -5.61 -14.06 19.96
N ARG B 34 -4.76 -14.86 20.61
CA ARG B 34 -4.82 -14.99 22.07
C ARG B 34 -4.86 -13.61 22.73
N GLN B 35 -4.35 -12.60 22.02
CA GLN B 35 -4.63 -11.22 22.38
C GLN B 35 -5.74 -10.72 21.45
N MET B 36 -6.87 -10.31 22.02
CA MET B 36 -8.01 -9.84 21.23
C MET B 36 -9.33 -10.39 21.77
N PRO B 43 -16.61 -14.90 19.38
CA PRO B 43 -15.67 -15.63 18.52
C PRO B 43 -16.43 -16.55 17.57
N VAL B 44 -16.03 -16.59 16.30
CA VAL B 44 -16.75 -17.38 15.31
C VAL B 44 -15.79 -17.97 14.30
N VAL B 45 -15.97 -19.24 13.96
CA VAL B 45 -15.31 -19.80 12.80
C VAL B 45 -16.29 -19.78 11.66
N GLU B 46 -15.85 -19.30 10.49
CA GLU B 46 -16.70 -19.21 9.32
C GLU B 46 -16.01 -19.75 8.11
N THR B 47 -16.80 -20.16 7.15
CA THR B 47 -16.27 -20.53 5.87
C THR B 47 -17.02 -19.71 4.84
N PHE B 48 -16.35 -19.43 3.74
CA PHE B 48 -16.96 -18.76 2.63
C PHE B 48 -16.60 -19.53 1.38
N GLU B 49 -17.57 -19.75 0.51
CA GLU B 49 -17.23 -20.38 -0.74
C GLU B 49 -16.60 -19.38 -1.69
N ARG B 50 -16.05 -19.92 -2.77
CA ARG B 50 -15.34 -19.16 -3.77
C ARG B 50 -16.17 -17.99 -4.28
N ASN B 51 -15.56 -16.81 -4.34
CA ASN B 51 -16.21 -15.62 -4.85
C ASN B 51 -17.19 -14.94 -3.91
N LYS B 52 -17.43 -15.51 -2.73
CA LYS B 52 -18.42 -14.97 -1.82
C LYS B 52 -17.81 -13.77 -1.12
N THR B 53 -18.65 -12.79 -0.84
CA THR B 53 -18.16 -11.61 -0.15
C THR B 53 -18.13 -11.84 1.34
N ILE B 54 -17.01 -11.49 1.97
CA ILE B 54 -16.86 -11.59 3.39
C ILE B 54 -17.38 -10.33 4.06
N PHE B 55 -16.97 -9.16 3.55
CA PHE B 55 -17.63 -7.93 3.93
C PHE B 55 -17.70 -6.96 2.76
N PHE B 56 -18.71 -6.09 2.80
CA PHE B 56 -19.04 -5.17 1.74
C PHE B 56 -18.62 -3.76 2.10
N PRO B 57 -18.18 -2.99 1.10
CA PRO B 57 -17.99 -1.58 1.35
C PRO B 57 -19.33 -0.89 1.64
N GLY B 58 -19.27 0.19 2.41
CA GLY B 58 -20.47 0.90 2.81
C GLY B 58 -21.00 0.38 4.14
N ASP B 59 -20.56 -0.81 4.55
CA ASP B 59 -21.01 -1.38 5.83
C ASP B 59 -19.97 -1.01 6.90
N PRO B 60 -20.42 -0.71 8.14
CA PRO B 60 -19.41 -0.41 9.16
C PRO B 60 -18.54 -1.60 9.49
N ALA B 61 -17.38 -1.38 10.08
CA ALA B 61 -16.53 -2.49 10.45
C ALA B 61 -17.12 -3.11 11.70
N GLU B 62 -17.51 -4.37 11.60
CA GLU B 62 -18.11 -5.08 12.73
C GLU B 62 -17.21 -6.08 13.39
N ARG B 63 -16.36 -6.73 12.60
CA ARG B 63 -15.51 -7.78 13.12
C ARG B 63 -14.11 -7.66 12.55
N VAL B 64 -13.17 -8.35 13.20
CA VAL B 64 -11.80 -8.51 12.70
C VAL B 64 -11.62 -9.99 12.41
N TYR B 65 -10.83 -10.29 11.38
CA TYR B 65 -10.76 -11.59 10.76
C TYR B 65 -9.33 -12.13 10.74
N PHE B 66 -9.18 -13.41 11.05
CA PHE B 66 -7.89 -14.08 11.01
C PHE B 66 -8.06 -15.17 9.96
N LEU B 67 -7.28 -15.10 8.89
CA LEU B 67 -7.44 -16.03 7.78
C LEU B 67 -6.68 -17.37 8.00
N LEU B 68 -7.43 -18.47 8.04
CA LEU B 68 -6.85 -19.81 8.29
C LEU B 68 -6.57 -20.59 7.01
N LYS B 69 -7.48 -20.51 6.06
CA LYS B 69 -7.31 -21.26 4.81
C LYS B 69 -7.81 -20.47 3.63
N GLY B 70 -7.09 -20.57 2.52
CA GLY B 70 -7.53 -20.00 1.26
C GLY B 70 -6.95 -18.61 1.04
N ALA B 71 -7.41 -17.96 0.00
CA ALA B 71 -6.97 -16.62 -0.38
C ALA B 71 -8.11 -15.60 -0.26
N VAL B 72 -7.81 -14.42 0.29
CA VAL B 72 -8.76 -13.28 0.31
C VAL B 72 -8.29 -12.14 -0.62
N LYS B 73 -9.18 -11.66 -1.46
CA LYS B 73 -8.90 -10.49 -2.30
C LYS B 73 -9.53 -9.29 -1.59
N LEU B 74 -8.69 -8.32 -1.25
CA LEU B 74 -9.17 -7.06 -0.70
C LEU B 74 -9.13 -6.02 -1.81
N SER B 75 -10.23 -5.32 -2.01
CA SER B 75 -10.26 -4.20 -2.94
C SER B 75 -10.80 -2.96 -2.22
N ARG B 76 -10.54 -1.81 -2.80
CA ARG B 76 -10.98 -0.56 -2.26
C ARG B 76 -11.90 0.10 -3.25
N VAL B 77 -12.97 0.68 -2.70
CA VAL B 77 -13.86 1.50 -3.49
C VAL B 77 -13.48 2.97 -3.32
N TYR B 78 -13.09 3.61 -4.42
CA TYR B 78 -12.64 4.99 -4.30
C TYR B 78 -13.74 6.01 -4.54
N GLU B 79 -13.40 7.25 -4.21
CA GLU B 79 -14.36 8.34 -4.15
C GLU B 79 -15.23 8.36 -5.40
N ALA B 80 -14.59 8.29 -6.56
CA ALA B 80 -15.33 8.34 -7.80
C ALA B 80 -16.06 7.06 -8.16
N GLY B 81 -15.88 6.00 -7.36
CA GLY B 81 -16.68 4.78 -7.51
C GLY B 81 -16.02 3.58 -8.17
N GLU B 82 -14.77 3.75 -8.62
CA GLU B 82 -13.99 2.62 -9.09
C GLU B 82 -13.58 1.69 -7.94
N GLU B 83 -13.61 0.40 -8.23
CA GLU B 83 -13.16 -0.60 -7.27
C GLU B 83 -11.91 -1.27 -7.80
N ILE B 84 -10.87 -1.27 -7.00
CA ILE B 84 -9.56 -1.68 -7.44
C ILE B 84 -8.97 -2.58 -6.39
N THR B 85 -8.33 -3.67 -6.83
CA THR B 85 -7.69 -4.61 -5.90
C THR B 85 -6.51 -3.94 -5.18
N VAL B 86 -6.41 -4.08 -3.85
CA VAL B 86 -5.29 -3.49 -3.15
C VAL B 86 -4.38 -4.48 -2.51
N ALA B 87 -4.85 -5.71 -2.31
CA ALA B 87 -4.01 -6.74 -1.72
C ALA B 87 -4.65 -8.11 -1.91
N LEU B 88 -3.79 -9.12 -2.08
CA LEU B 88 -4.20 -10.52 -1.92
C LEU B 88 -3.66 -10.99 -0.60
N LEU B 89 -4.53 -11.55 0.23
CA LEU B 89 -4.14 -11.94 1.56
C LEU B 89 -4.06 -13.46 1.64
N ARG B 90 -3.02 -13.94 2.29
CA ARG B 90 -2.90 -15.39 2.36
C ARG B 90 -2.98 -15.82 3.80
N GLU B 91 -2.91 -17.12 4.02
CA GLU B 91 -3.12 -17.68 5.34
C GLU B 91 -2.31 -16.95 6.40
N ASN B 92 -2.95 -16.75 7.56
CA ASN B 92 -2.36 -16.09 8.71
C ASN B 92 -2.44 -14.56 8.67
N SER B 93 -3.07 -14.04 7.63
CA SER B 93 -3.31 -12.59 7.53
C SER B 93 -4.41 -12.20 8.50
N VAL B 94 -4.29 -11.02 9.07
CA VAL B 94 -5.37 -10.47 9.86
C VAL B 94 -5.91 -9.32 9.04
N PHE B 95 -7.23 -9.24 8.89
CA PHE B 95 -7.80 -8.15 8.12
C PHE B 95 -9.12 -7.66 8.74
N GLY B 96 -9.63 -6.55 8.23
CA GLY B 96 -10.87 -5.97 8.72
C GLY B 96 -10.63 -5.00 9.85
N VAL B 97 -9.36 -4.79 10.23
CA VAL B 97 -9.03 -3.90 11.36
C VAL B 97 -8.52 -2.51 10.92
N LEU B 98 -8.00 -2.43 9.70
CA LEU B 98 -7.43 -1.16 9.23
C LEU B 98 -8.41 0.00 9.44
N SER B 99 -9.66 -0.26 9.06
CA SER B 99 -10.68 0.75 9.08
C SER B 99 -10.82 1.30 10.49
N LEU B 100 -10.66 0.45 11.49
CA LEU B 100 -10.71 0.91 12.87
C LEU B 100 -9.52 1.80 13.20
N LEU B 101 -8.31 1.34 12.87
CA LEU B 101 -7.09 2.08 13.18
C LEU B 101 -7.06 3.44 12.47
N THR B 102 -7.86 3.63 11.42
CA THR B 102 -7.80 4.88 10.64
C THR B 102 -9.03 5.74 10.78
N GLY B 103 -9.95 5.38 11.68
CA GLY B 103 -11.16 6.20 11.93
C GLY B 103 -12.33 6.00 10.97
N ASN B 104 -12.35 4.90 10.23
CA ASN B 104 -13.45 4.59 9.31
C ASN B 104 -14.31 3.41 9.81
N LYS B 105 -14.31 3.21 11.13
CA LYS B 105 -15.10 2.11 11.69
C LYS B 105 -16.57 2.19 11.26
N SER B 106 -17.06 3.40 11.03
CA SER B 106 -18.50 3.58 10.79
C SER B 106 -18.92 3.16 9.37
N ASP B 107 -17.96 3.08 8.44
CA ASP B 107 -18.30 2.78 7.04
C ASP B 107 -17.04 2.38 6.25
N ARG B 108 -16.80 1.09 6.09
CA ARG B 108 -15.61 0.65 5.33
C ARG B 108 -15.69 1.05 3.86
N PHE B 109 -14.55 1.36 3.26
CA PHE B 109 -14.48 1.49 1.80
C PHE B 109 -13.72 0.29 1.22
N TYR B 110 -13.65 -0.80 1.97
CA TYR B 110 -13.04 -2.05 1.48
C TYR B 110 -14.08 -3.12 1.19
N HIS B 111 -13.75 -3.98 0.22
CA HIS B 111 -14.53 -5.14 -0.12
C HIS B 111 -13.65 -6.35 0.02
N ALA B 112 -14.02 -7.28 0.90
CA ALA B 112 -13.21 -8.46 1.06
C ALA B 112 -13.96 -9.65 0.46
N VAL B 113 -13.28 -10.42 -0.40
CA VAL B 113 -13.88 -11.54 -1.14
C VAL B 113 -13.03 -12.79 -0.97
N ALA B 114 -13.71 -13.94 -0.88
CA ALA B 114 -13.02 -15.25 -0.85
C ALA B 114 -12.56 -15.47 -2.26
N PHE B 115 -11.25 -15.37 -2.47
CA PHE B 115 -10.70 -15.42 -3.83
C PHE B 115 -10.74 -16.89 -4.25
N THR B 116 -10.45 -17.74 -3.28
CA THR B 116 -10.83 -19.14 -3.30
C THR B 116 -11.65 -19.45 -2.05
N PRO B 117 -12.15 -20.68 -1.95
CA PRO B 117 -12.92 -21.03 -0.76
C PRO B 117 -12.08 -20.72 0.47
N VAL B 118 -12.67 -20.06 1.45
CA VAL B 118 -11.93 -19.61 2.62
C VAL B 118 -12.46 -20.13 3.95
N GLU B 119 -11.55 -20.28 4.92
CA GLU B 119 -11.93 -20.58 6.28
C GLU B 119 -11.23 -19.56 7.15
N LEU B 120 -11.94 -19.02 8.13
CA LEU B 120 -11.38 -17.99 8.98
C LEU B 120 -12.03 -17.90 10.35
N LEU B 121 -11.34 -17.19 11.24
CA LEU B 121 -11.80 -16.94 12.59
C LEU B 121 -12.08 -15.45 12.68
N SER B 122 -13.16 -15.07 13.34
CA SER B 122 -13.43 -13.65 13.51
C SER B 122 -13.89 -13.30 14.90
N ALA B 123 -13.75 -12.03 15.23
CA ALA B 123 -14.09 -11.52 16.56
C ALA B 123 -14.71 -10.14 16.42
N PRO B 124 -15.65 -9.81 17.31
CA PRO B 124 -16.26 -8.51 17.19
C PRO B 124 -15.22 -7.40 17.37
N ILE B 125 -15.40 -6.32 16.62
CA ILE B 125 -14.38 -5.26 16.58
C ILE B 125 -14.30 -4.54 17.93
N GLU B 126 -15.45 -4.40 18.60
CA GLU B 126 -15.47 -3.85 19.95
C GLU B 126 -14.50 -4.56 20.91
N GLN B 127 -14.34 -5.86 20.77
CA GLN B 127 -13.44 -6.61 21.64
C GLN B 127 -11.99 -6.31 21.31
N VAL B 128 -11.72 -6.20 20.01
CA VAL B 128 -10.41 -5.77 19.54
C VAL B 128 -10.13 -4.36 20.04
N GLU B 129 -11.10 -3.48 19.88
CA GLU B 129 -10.93 -2.11 20.34
C GLU B 129 -10.51 -2.16 21.80
N GLN B 130 -11.32 -2.83 22.63
CA GLN B 130 -11.01 -2.99 24.05
C GLN B 130 -9.58 -3.51 24.31
N ALA B 131 -9.18 -4.55 23.59
CA ALA B 131 -7.87 -5.15 23.76
C ALA B 131 -6.74 -4.18 23.38
N LEU B 132 -6.92 -3.43 22.30
CA LEU B 132 -5.91 -2.46 21.88
C LEU B 132 -5.69 -1.41 22.96
N LYS B 133 -6.68 -1.21 23.82
CA LYS B 133 -6.57 -0.22 24.90
C LYS B 133 -6.12 -0.83 26.23
N GLU B 134 -6.34 -2.12 26.41
CA GLU B 134 -5.92 -2.81 27.64
C GLU B 134 -4.61 -3.55 27.43
N ASN B 135 -4.60 -4.51 26.53
CA ASN B 135 -3.43 -5.37 26.38
C ASN B 135 -2.25 -4.70 25.70
N PRO B 136 -1.23 -4.35 26.48
CA PRO B 136 -0.02 -3.67 26.00
C PRO B 136 0.57 -4.36 24.77
N GLU B 137 0.78 -5.67 24.85
CA GLU B 137 1.50 -6.40 23.82
C GLU B 137 0.78 -6.50 22.46
N LEU B 138 -0.50 -6.14 22.44
CA LEU B 138 -1.28 -6.36 21.23
C LEU B 138 -0.79 -5.54 20.02
N SER B 139 -0.70 -4.21 20.13
CA SER B 139 -0.35 -3.45 18.94
C SER B 139 1.06 -3.77 18.44
N MET B 140 1.93 -4.18 19.36
CA MET B 140 3.27 -4.61 18.97
C MET B 140 3.19 -5.82 18.05
N LEU B 141 2.35 -6.77 18.43
CA LEU B 141 2.14 -7.98 17.65
C LEU B 141 1.47 -7.74 16.31
N MET B 142 0.75 -6.63 16.18
CA MET B 142 0.08 -6.31 14.93
C MET B 142 0.95 -5.55 13.90
N LEU B 143 2.09 -5.02 14.32
CA LEU B 143 2.95 -4.26 13.43
C LEU B 143 3.41 -5.11 12.28
N ARG B 144 3.70 -6.39 12.56
CA ARG B 144 4.19 -7.29 11.52
C ARG B 144 3.11 -7.52 10.48
N GLY B 145 1.87 -7.70 10.95
CA GLY B 145 0.72 -7.87 10.07
C GLY B 145 0.47 -6.67 9.16
N LEU B 146 0.53 -5.46 9.73
CA LEU B 146 0.40 -4.24 8.91
C LEU B 146 1.57 -4.06 7.91
N SER B 147 2.79 -4.41 8.33
CA SER B 147 3.96 -4.36 7.46
C SER B 147 3.75 -5.29 6.26
N SER B 148 3.23 -6.49 6.53
CA SER B 148 2.95 -7.45 5.49
C SER B 148 1.89 -6.92 4.54
N ARG B 149 0.86 -6.29 5.10
CA ARG B 149 -0.14 -5.63 4.26
C ARG B 149 0.47 -4.54 3.33
N ILE B 150 1.35 -3.71 3.86
CA ILE B 150 2.04 -2.71 3.01
C ILE B 150 2.78 -3.41 1.88
N LEU B 151 3.50 -4.47 2.20
CA LEU B 151 4.26 -5.17 1.15
C LEU B 151 3.34 -5.77 0.09
N GLN B 152 2.22 -6.34 0.53
CA GLN B 152 1.24 -6.87 -0.44
C GLN B 152 0.62 -5.77 -1.30
N THR B 153 0.33 -4.61 -0.70
CA THR B 153 -0.20 -3.49 -1.47
C THR B 153 0.83 -3.01 -2.50
N GLU B 154 2.11 -2.99 -2.11
CA GLU B 154 3.16 -2.54 -3.02
C GLU B 154 3.36 -3.51 -4.18
N MET B 155 3.13 -4.80 -3.95
CA MET B 155 3.11 -5.72 -5.07
C MET B 155 2.00 -5.39 -6.05
N MET B 156 0.84 -4.97 -5.56
CA MET B 156 -0.27 -4.65 -6.48
C MET B 156 0.00 -3.33 -7.19
N ILE B 157 0.73 -2.40 -6.54
CA ILE B 157 1.23 -1.20 -7.22
C ILE B 157 2.03 -1.60 -8.45
N GLU B 158 3.01 -2.47 -8.29
CA GLU B 158 3.86 -2.88 -9.41
C GLU B 158 3.03 -3.56 -10.54
N THR B 159 2.08 -4.41 -10.14
CA THR B 159 1.20 -5.09 -11.09
C THR B 159 0.34 -4.09 -11.85
N LEU B 160 -0.35 -3.22 -11.13
CA LEU B 160 -1.29 -2.30 -11.76
C LEU B 160 -0.68 -1.11 -12.49
N ALA B 161 0.59 -0.79 -12.20
CA ALA B 161 1.26 0.31 -12.89
C ALA B 161 1.53 -0.05 -14.34
N HIS B 162 1.49 -1.35 -14.66
CA HIS B 162 1.71 -1.75 -16.04
C HIS B 162 0.53 -1.35 -16.84
N ARG B 163 0.79 -0.64 -17.93
CA ARG B 163 -0.30 -0.12 -18.74
C ARG B 163 -0.83 -1.16 -19.75
N ASP B 164 -0.02 -2.16 -20.08
CA ASP B 164 -0.50 -3.25 -20.95
C ASP B 164 -0.94 -4.48 -20.13
N MET B 165 -2.01 -5.11 -20.57
CA MET B 165 -2.62 -6.13 -19.73
C MET B 165 -1.77 -7.37 -19.65
N GLY B 166 -1.04 -7.65 -20.73
CA GLY B 166 -0.11 -8.80 -20.72
C GLY B 166 0.91 -8.75 -19.57
N SER B 167 1.56 -7.61 -19.39
CA SER B 167 2.48 -7.42 -18.27
C SER B 167 1.77 -7.45 -16.93
N ARG B 168 0.60 -6.86 -16.83
CA ARG B 168 -0.17 -6.91 -15.58
C ARG B 168 -0.47 -8.34 -15.20
N LEU B 169 -0.91 -9.13 -16.19
CA LEU B 169 -1.24 -10.52 -15.90
C LEU B 169 -0.02 -11.28 -15.43
N VAL B 170 1.09 -11.12 -16.15
CA VAL B 170 2.32 -11.80 -15.76
C VAL B 170 2.72 -11.37 -14.32
N SER B 171 2.66 -10.07 -14.03
CA SER B 171 3.01 -9.62 -12.66
C SER B 171 2.10 -10.27 -11.64
N PHE B 172 0.81 -10.31 -11.95
CA PHE B 172 -0.17 -10.89 -11.04
C PHE B 172 0.08 -12.37 -10.83
N LEU B 173 0.41 -13.08 -11.91
CA LEU B 173 0.74 -14.50 -11.78
C LEU B 173 1.96 -14.67 -10.86
N LEU B 174 2.94 -13.80 -10.99
CA LEU B 174 4.11 -13.86 -10.12
C LEU B 174 3.75 -13.56 -8.66
N ILE B 175 2.85 -12.60 -8.41
CA ILE B 175 2.35 -12.43 -7.03
C ILE B 175 1.77 -13.74 -6.52
N LEU B 176 0.91 -14.37 -7.32
CA LEU B 176 0.34 -15.65 -6.92
C LEU B 176 1.40 -16.73 -6.67
N CYS B 177 2.46 -16.72 -7.47
CA CYS B 177 3.54 -17.70 -7.26
C CYS B 177 4.26 -17.48 -5.94
N ARG B 178 4.47 -16.23 -5.56
CA ARG B 178 5.11 -15.90 -4.29
C ARG B 178 4.22 -16.17 -3.09
N ASP B 179 2.95 -15.83 -3.21
CA ASP B 179 2.00 -15.92 -2.11
C ASP B 179 1.45 -17.33 -1.92
N PHE B 180 1.36 -18.12 -2.99
CA PHE B 180 0.61 -19.38 -2.96
C PHE B 180 1.30 -20.48 -3.75
N GLY B 181 2.55 -20.25 -4.14
CA GLY B 181 3.26 -21.18 -5.01
C GLY B 181 3.79 -22.41 -4.28
N VAL B 182 3.82 -23.54 -4.98
CA VAL B 182 4.50 -24.73 -4.47
C VAL B 182 5.57 -25.16 -5.47
N PRO B 183 6.83 -25.27 -4.99
CA PRO B 183 7.99 -25.69 -5.77
C PRO B 183 7.67 -26.90 -6.63
N CYS B 184 8.25 -26.93 -7.83
CA CYS B 184 7.83 -27.87 -8.84
C CYS B 184 9.05 -28.37 -9.60
N ALA B 185 8.97 -29.59 -10.12
CA ALA B 185 9.95 -30.03 -11.11
C ALA B 185 9.71 -29.23 -12.38
N ASP B 186 8.43 -28.97 -12.67
CA ASP B 186 8.05 -28.14 -13.81
C ASP B 186 8.25 -26.65 -13.53
N GLY B 187 8.33 -26.26 -12.25
CA GLY B 187 8.49 -24.85 -11.90
C GLY B 187 7.75 -24.52 -10.60
N ILE B 188 6.94 -23.47 -10.62
CA ILE B 188 6.08 -23.18 -9.47
C ILE B 188 4.60 -23.38 -9.83
N THR B 189 3.89 -24.15 -9.01
CA THR B 189 2.48 -24.35 -9.22
C THR B 189 1.68 -23.45 -8.29
N ILE B 190 0.83 -22.64 -8.85
CA ILE B 190 0.01 -21.78 -8.02
C ILE B 190 -1.05 -22.70 -7.45
N ASP B 191 -1.04 -22.81 -6.12
CA ASP B 191 -1.89 -23.80 -5.43
C ASP B 191 -3.30 -23.25 -5.14
N LEU B 192 -3.98 -22.81 -6.19
CA LEU B 192 -5.29 -22.20 -6.10
C LEU B 192 -6.01 -22.51 -7.40
N LYS B 193 -7.31 -22.78 -7.35
CA LYS B 193 -8.08 -22.94 -8.57
C LYS B 193 -8.78 -21.63 -8.91
N LEU B 194 -8.36 -20.98 -9.98
CA LEU B 194 -8.86 -19.63 -10.27
C LEU B 194 -9.60 -19.59 -11.57
N SER B 195 -10.66 -18.79 -11.61
CA SER B 195 -11.39 -18.61 -12.85
C SER B 195 -10.79 -17.43 -13.63
N HIS B 196 -10.96 -17.48 -14.94
CA HIS B 196 -10.57 -16.35 -15.76
C HIS B 196 -11.22 -15.06 -15.31
N GLN B 197 -12.50 -15.13 -14.93
CA GLN B 197 -13.21 -13.95 -14.44
C GLN B 197 -12.62 -13.40 -13.13
N ALA B 198 -12.29 -14.27 -12.19
CA ALA B 198 -11.68 -13.81 -10.95
C ALA B 198 -10.33 -13.11 -11.22
N ILE B 199 -9.55 -13.65 -12.15
CA ILE B 199 -8.28 -13.03 -12.52
C ILE B 199 -8.53 -11.66 -13.16
N ALA B 200 -9.52 -11.60 -14.06
CA ALA B 200 -9.83 -10.35 -14.74
C ALA B 200 -10.25 -9.28 -13.75
N GLU B 201 -11.11 -9.64 -12.81
CA GLU B 201 -11.54 -8.67 -11.81
C GLU B 201 -10.34 -8.13 -11.04
N ALA B 202 -9.44 -9.03 -10.65
CA ALA B 202 -8.30 -8.63 -9.84
C ALA B 202 -7.35 -7.66 -10.55
N ILE B 203 -7.14 -7.86 -11.86
CA ILE B 203 -6.21 -7.02 -12.58
C ILE B 203 -6.86 -5.89 -13.36
N GLY B 204 -8.19 -5.81 -13.31
CA GLY B 204 -8.96 -4.74 -13.98
C GLY B 204 -9.12 -4.91 -15.48
N SER B 205 -9.15 -6.17 -15.92
CA SER B 205 -9.21 -6.50 -17.35
C SER B 205 -10.57 -7.15 -17.62
N THR B 206 -10.84 -7.49 -18.88
CA THR B 206 -12.07 -8.22 -19.19
C THR B 206 -11.78 -9.72 -19.08
N ARG B 207 -12.83 -10.51 -18.87
CA ARG B 207 -12.68 -11.97 -18.88
C ARG B 207 -11.97 -12.48 -20.16
N VAL B 208 -12.39 -12.00 -21.33
CA VAL B 208 -11.84 -12.51 -22.60
C VAL B 208 -10.36 -12.13 -22.78
N THR B 209 -9.97 -10.93 -22.34
CA THR B 209 -8.56 -10.59 -22.36
C THR B 209 -7.68 -11.56 -21.59
N VAL B 210 -8.13 -11.92 -20.40
CA VAL B 210 -7.36 -12.85 -19.56
C VAL B 210 -7.33 -14.22 -20.25
N THR B 211 -8.49 -14.65 -20.75
CA THR B 211 -8.54 -15.93 -21.46
C THR B 211 -7.47 -15.99 -22.58
N ARG B 212 -7.43 -14.99 -23.44
CA ARG B 212 -6.48 -14.99 -24.58
C ARG B 212 -5.02 -14.88 -24.16
N LEU B 213 -4.77 -14.07 -23.13
CA LEU B 213 -3.41 -13.93 -22.62
C LEU B 213 -2.95 -15.23 -22.00
N LEU B 214 -3.81 -15.93 -21.26
CA LEU B 214 -3.39 -17.20 -20.71
C LEU B 214 -3.16 -18.17 -21.85
N GLY B 215 -4.01 -18.04 -22.87
CA GLY B 215 -3.83 -18.84 -24.10
C GLY B 215 -2.46 -18.59 -24.70
N ASP B 216 -2.06 -17.32 -24.82
CA ASP B 216 -0.74 -17.00 -25.43
C ASP B 216 0.37 -17.54 -24.57
N LEU B 217 0.25 -17.41 -23.26
CA LEU B 217 1.28 -17.95 -22.38
C LEU B 217 1.41 -19.47 -22.50
N ARG B 218 0.29 -20.15 -22.69
CA ARG B 218 0.37 -21.62 -22.84
C ARG B 218 1.03 -21.97 -24.18
N GLU B 219 0.74 -21.20 -25.23
CA GLU B 219 1.32 -21.45 -26.56
C GLU B 219 2.85 -21.28 -26.52
N LYS B 220 3.31 -20.35 -25.68
CA LYS B 220 4.74 -20.09 -25.55
C LYS B 220 5.41 -20.98 -24.53
N LYS B 221 4.68 -21.91 -23.91
CA LYS B 221 5.29 -22.78 -22.93
C LYS B 221 5.75 -22.05 -21.66
N MET B 222 5.24 -20.85 -21.45
CA MET B 222 5.63 -20.10 -20.26
C MET B 222 4.85 -20.57 -19.06
N ILE B 223 3.64 -21.05 -19.28
CA ILE B 223 2.84 -21.66 -18.21
C ILE B 223 2.17 -22.92 -18.75
N SER B 224 1.70 -23.78 -17.86
CA SER B 224 0.85 -24.90 -18.27
C SER B 224 -0.24 -25.01 -17.24
N ILE B 225 -1.39 -25.54 -17.63
CA ILE B 225 -2.51 -25.63 -16.73
C ILE B 225 -3.01 -27.07 -16.57
N HIS B 226 -3.04 -27.54 -15.33
N HIS B 226 -2.99 -27.55 -15.34
CA HIS B 226 -3.46 -28.92 -15.07
CA HIS B 226 -3.49 -28.88 -15.05
C HIS B 226 -4.46 -28.95 -13.91
C HIS B 226 -4.52 -28.83 -13.94
N LYS B 227 -5.67 -29.43 -14.19
CA LYS B 227 -6.72 -29.49 -13.18
C LYS B 227 -6.98 -28.10 -12.59
N LYS B 228 -7.18 -27.14 -13.48
CA LYS B 228 -7.41 -25.73 -13.14
C LYS B 228 -6.35 -25.05 -12.29
N LYS B 229 -5.14 -25.62 -12.25
CA LYS B 229 -4.02 -24.97 -11.55
C LYS B 229 -2.95 -24.56 -12.53
N ILE B 230 -2.44 -23.35 -12.39
CA ILE B 230 -1.42 -22.83 -13.24
C ILE B 230 -0.01 -23.13 -12.70
N THR B 231 0.84 -23.68 -13.57
CA THR B 231 2.25 -23.85 -13.25
C THR B 231 3.02 -22.85 -14.09
N VAL B 232 3.83 -22.02 -13.43
CA VAL B 232 4.70 -21.09 -14.10
C VAL B 232 6.05 -21.79 -14.19
N HIS B 233 6.55 -21.97 -15.40
CA HIS B 233 7.74 -22.81 -15.63
C HIS B 233 9.06 -22.15 -15.26
N LYS B 234 9.16 -20.84 -15.46
CA LYS B 234 10.38 -20.13 -15.05
C LYS B 234 10.06 -18.69 -14.62
N PRO B 235 9.56 -18.53 -13.38
CA PRO B 235 9.20 -17.20 -12.88
C PRO B 235 10.43 -16.32 -12.81
N VAL B 236 11.55 -16.96 -12.49
CA VAL B 236 12.88 -16.37 -12.58
C VAL B 236 12.87 -14.98 -13.21
C1 BOG C . 2.87 9.33 14.87
O1 BOG C . 3.81 8.33 15.25
C2 BOG C . 1.48 8.79 14.47
O2 BOG C . 1.44 7.64 13.68
C3 BOG C . 0.46 9.86 14.14
O3 BOG C . -0.83 9.40 13.80
C4 BOG C . 0.54 11.11 15.01
O4 BOG C . -0.39 12.11 14.71
C5 BOG C . 1.98 11.58 15.32
O5 BOG C . 2.83 10.48 15.70
C6 BOG C . 2.02 12.76 16.29
O6 BOG C . 1.21 12.51 17.41
C1' BOG C . 5.18 8.64 15.30
C2' BOG C . 6.15 7.47 15.62
C3' BOG C . 7.63 7.95 15.70
C4' BOG C . 8.79 6.98 15.36
C5' BOG C . 9.91 7.64 14.46
C6' BOG C . 11.38 7.80 14.94
C7' BOG C . 12.18 9.07 14.49
C8' BOG C . 11.94 10.34 15.33
#